data_3ZRI
#
_entry.id   3ZRI
#
_cell.length_a   71.898
_cell.length_b   72.990
_cell.length_c   73.033
_cell.angle_alpha   90.00
_cell.angle_beta   90.00
_cell.angle_gamma   90.00
#
_symmetry.space_group_name_H-M   'I 2 2 2'
#
loop_
_entity.id
_entity.type
_entity.pdbx_description
1 polymer 'CLPB PROTEIN'
2 water water
#
_entity_poly.entity_id   1
_entity_poly.type   'polypeptide(L)'
_entity_poly.pdbx_seq_one_letter_code
;(MSE)RGSHHHHHHTDPIRIELPTLIAKLNAQSKLALEQAASLCIERQHPEVTLEHYLDVLLDNPLSDVRLVLKQAGLEV
DQVKQAIASTYSREQVLDTYPAFSPLLVELLQEAWLLSSTELEQAELRSGAIFLAALTRADRYLSFKLISLFEGINRENL
KKHFA(MSE)ILSDSAETT
;
_entity_poly.pdbx_strand_id   A
#
# COMPACT_ATOMS: atom_id res chain seq x y z
N HIS A 5 -1.81 -3.36 -37.34
CA HIS A 5 -0.89 -4.18 -38.15
C HIS A 5 -1.32 -5.67 -38.28
N HIS A 6 -1.04 -6.29 -39.43
CA HIS A 6 -1.41 -7.66 -39.64
C HIS A 6 -0.44 -8.71 -38.94
N HIS A 7 0.78 -8.29 -38.56
CA HIS A 7 1.80 -9.15 -37.94
C HIS A 7 2.20 -8.58 -36.54
N HIS A 8 1.45 -7.64 -36.00
CA HIS A 8 1.68 -7.37 -34.57
C HIS A 8 0.34 -7.43 -33.87
N HIS A 9 0.26 -8.14 -32.75
CA HIS A 9 -0.95 -8.24 -31.99
C HIS A 9 -1.26 -6.91 -31.31
N HIS A 10 -2.54 -6.71 -30.98
CA HIS A 10 -2.87 -5.67 -30.00
C HIS A 10 -2.12 -5.89 -28.65
N THR A 11 -1.64 -4.78 -28.07
CA THR A 11 -0.92 -4.80 -26.74
C THR A 11 -1.62 -3.84 -25.81
N ASP A 12 -1.47 -4.08 -24.52
CA ASP A 12 -1.93 -3.17 -23.50
C ASP A 12 -0.73 -2.65 -22.65
N PRO A 13 -0.94 -1.63 -21.79
CA PRO A 13 0.17 -0.96 -21.09
C PRO A 13 1.04 -2.00 -20.43
N ILE A 14 2.36 -1.77 -20.44
CA ILE A 14 3.32 -2.78 -19.98
C ILE A 14 3.07 -2.99 -18.50
N ARG A 15 3.12 -4.28 -18.07
CA ARG A 15 2.99 -4.68 -16.65
C ARG A 15 4.31 -5.22 -16.21
N ILE A 16 4.79 -4.77 -15.06
CA ILE A 16 6.05 -5.29 -14.54
C ILE A 16 5.84 -6.56 -13.72
N GLU A 17 6.78 -7.52 -13.84
CA GLU A 17 6.70 -8.80 -13.15
C GLU A 17 6.75 -8.57 -11.70
N LEU A 18 5.87 -9.25 -10.96
CA LEU A 18 5.81 -9.10 -9.54
CA LEU A 18 5.77 -9.13 -9.53
C LEU A 18 7.15 -9.29 -8.84
N PRO A 19 7.93 -10.32 -9.25
CA PRO A 19 9.19 -10.50 -8.51
C PRO A 19 10.12 -9.27 -8.61
N THR A 20 10.07 -8.55 -9.75
CA THR A 20 10.92 -7.36 -9.97
C THR A 20 10.41 -6.22 -9.04
N LEU A 21 9.10 -6.11 -8.85
CA LEU A 21 8.60 -5.08 -7.92
C LEU A 21 8.95 -5.36 -6.47
N ILE A 22 8.81 -6.62 -6.09
CA ILE A 22 9.13 -7.07 -4.76
C ILE A 22 10.59 -6.74 -4.41
N ALA A 23 11.50 -6.93 -5.36
CA ALA A 23 12.89 -6.57 -5.12
C ALA A 23 13.17 -5.08 -4.88
N LYS A 24 12.28 -4.16 -5.27
CA LYS A 24 12.43 -2.71 -5.00
C LYS A 24 12.12 -2.34 -3.56
N LEU A 25 11.35 -3.19 -2.90
CA LEU A 25 10.83 -2.86 -1.54
C LEU A 25 11.94 -2.59 -0.54
N ASN A 26 11.86 -1.49 0.25
CA ASN A 26 12.80 -1.33 1.36
CA ASN A 26 12.74 -1.27 1.44
C ASN A 26 12.64 -2.52 2.34
N ALA A 27 13.70 -2.84 3.09
CA ALA A 27 13.65 -4.02 3.93
C ALA A 27 12.45 -4.00 4.92
N GLN A 28 12.20 -2.82 5.52
CA GLN A 28 11.23 -2.67 6.62
C GLN A 28 9.89 -2.75 5.95
N SER A 29 9.82 -2.05 4.83
CA SER A 29 8.64 -2.19 4.01
C SER A 29 8.35 -3.65 3.60
N LYS A 30 9.38 -4.46 3.33
CA LYS A 30 9.16 -5.86 2.86
C LYS A 30 8.79 -6.95 3.90
N LEU A 31 9.29 -6.81 5.12
CA LEU A 31 8.82 -7.68 6.21
C LEU A 31 7.30 -7.47 6.45
N ALA A 32 6.83 -6.24 6.27
CA ALA A 32 5.41 -6.01 6.56
C ALA A 32 4.50 -6.81 5.61
N LEU A 33 4.91 -6.99 4.32
CA LEU A 33 4.11 -7.76 3.39
C LEU A 33 4.04 -9.21 3.72
N GLU A 34 5.14 -9.74 4.23
CA GLU A 34 5.25 -11.14 4.58
C GLU A 34 4.35 -11.34 5.79
N GLN A 35 4.40 -10.38 6.67
CA GLN A 35 3.51 -10.43 7.83
C GLN A 35 2.03 -10.22 7.49
N ALA A 36 1.79 -9.40 6.46
CA ALA A 36 0.44 -9.21 5.98
C ALA A 36 -0.08 -10.54 5.41
N ALA A 37 0.78 -11.31 4.73
CA ALA A 37 0.42 -12.67 4.32
C ALA A 37 0.13 -13.61 5.48
N SER A 38 0.93 -13.52 6.55
CA SER A 38 0.66 -14.28 7.77
C SER A 38 -0.65 -13.87 8.39
N LEU A 39 -0.89 -12.57 8.42
CA LEU A 39 -2.18 -12.06 8.90
C LEU A 39 -3.31 -12.65 8.06
N CYS A 40 -3.12 -12.72 6.75
CA CYS A 40 -4.06 -13.46 5.91
C CYS A 40 -4.43 -14.87 6.33
N ILE A 41 -3.45 -15.74 6.57
CA ILE A 41 -3.73 -17.11 7.04
C ILE A 41 -4.54 -17.13 8.31
N GLU A 42 -4.10 -16.29 9.26
CA GLU A 42 -4.73 -16.16 10.57
C GLU A 42 -6.20 -15.83 10.40
N ARG A 43 -6.50 -14.85 9.51
CA ARG A 43 -7.91 -14.49 9.21
C ARG A 43 -8.71 -15.37 8.24
N GLN A 44 -8.07 -16.39 7.66
CA GLN A 44 -8.70 -17.24 6.64
C GLN A 44 -9.11 -16.41 5.46
N HIS A 45 -8.22 -15.49 5.05
CA HIS A 45 -8.49 -14.68 3.85
C HIS A 45 -7.63 -15.23 2.70
N PRO A 46 -8.20 -15.27 1.47
CA PRO A 46 -7.51 -15.93 0.38
C PRO A 46 -6.42 -15.18 -0.36
N GLU A 47 -6.34 -13.88 -0.17
CA GLU A 47 -5.28 -13.10 -0.87
C GLU A 47 -4.90 -11.86 -0.08
N VAL A 48 -3.65 -11.44 -0.22
CA VAL A 48 -3.14 -10.33 0.59
C VAL A 48 -3.60 -9.04 -0.09
N THR A 49 -4.22 -8.12 0.68
CA THR A 49 -4.75 -6.87 0.11
C THR A 49 -4.01 -5.67 0.75
N LEU A 50 -4.13 -4.53 0.11
CA LEU A 50 -3.65 -3.31 0.68
C LEU A 50 -4.10 -3.22 2.15
N GLU A 51 -5.37 -3.56 2.44
CA GLU A 51 -5.83 -3.35 3.83
C GLU A 51 -4.99 -4.16 4.79
N HIS A 52 -4.65 -5.41 4.42
CA HIS A 52 -3.78 -6.21 5.31
C HIS A 52 -2.47 -5.54 5.53
N TYR A 53 -1.89 -5.01 4.44
CA TYR A 53 -0.59 -4.32 4.54
C TYR A 53 -0.69 -3.09 5.45
N LEU A 54 -1.76 -2.26 5.30
CA LEU A 54 -1.91 -1.09 6.15
C LEU A 54 -2.08 -1.55 7.61
N ASP A 55 -2.84 -2.64 7.79
CA ASP A 55 -3.07 -3.13 9.17
C ASP A 55 -1.74 -3.37 9.90
N VAL A 56 -0.83 -4.08 9.22
CA VAL A 56 0.42 -4.52 9.85
C VAL A 56 1.30 -3.30 10.02
N LEU A 57 1.24 -2.37 9.05
CA LEU A 57 2.02 -1.12 9.20
C LEU A 57 1.60 -0.23 10.37
N LEU A 58 0.33 -0.32 10.78
CA LEU A 58 -0.14 0.46 11.94
C LEU A 58 0.50 0.02 13.26
N ASP A 59 1.14 -1.15 13.25
CA ASP A 59 1.78 -1.65 14.47
C ASP A 59 3.16 -1.08 14.69
N ASN A 60 3.72 -0.42 13.69
CA ASN A 60 5.03 0.20 13.80
C ASN A 60 4.82 1.72 13.81
N PRO A 61 5.06 2.39 14.99
CA PRO A 61 4.82 3.84 15.12
C PRO A 61 5.71 4.66 14.18
N LEU A 62 6.79 4.05 13.68
CA LEU A 62 7.65 4.76 12.72
C LEU A 62 7.53 4.25 11.27
N SER A 63 6.44 3.53 10.95
CA SER A 63 6.21 3.25 9.49
C SER A 63 5.78 4.55 8.80
N ASP A 64 5.92 4.62 7.48
CA ASP A 64 5.59 5.86 6.78
C ASP A 64 4.12 6.05 7.02
N VAL A 65 3.36 4.95 6.96
CA VAL A 65 1.88 5.07 7.12
C VAL A 65 1.50 5.72 8.46
N ARG A 66 2.10 5.24 9.54
CA ARG A 66 1.79 5.85 10.86
C ARG A 66 2.16 7.32 10.90
N LEU A 67 3.28 7.69 10.25
CA LEU A 67 3.71 9.08 10.26
C LEU A 67 2.75 9.96 9.47
N VAL A 68 2.20 9.44 8.34
CA VAL A 68 1.21 10.19 7.56
C VAL A 68 -0.06 10.34 8.40
N LEU A 69 -0.45 9.27 9.09
CA LEU A 69 -1.72 9.33 9.83
C LEU A 69 -1.54 10.37 10.98
N LYS A 70 -0.37 10.38 11.60
CA LYS A 70 -0.15 11.32 12.71
C LYS A 70 -0.27 12.77 12.20
N GLN A 71 0.35 13.03 11.04
CA GLN A 71 0.32 14.35 10.40
CA GLN A 71 0.32 14.37 10.47
C GLN A 71 -1.12 14.76 10.11
N ALA A 72 -1.92 13.84 9.61
CA ALA A 72 -3.34 14.11 9.37
C ALA A 72 -4.30 14.14 10.61
N GLY A 73 -3.77 13.89 11.80
CA GLY A 73 -4.62 13.74 12.97
C GLY A 73 -5.57 12.57 13.01
N LEU A 74 -5.18 11.43 12.39
CA LEU A 74 -6.00 10.25 12.47
C LEU A 74 -5.55 9.26 13.50
N GLU A 75 -6.44 8.89 14.42
CA GLU A 75 -6.02 7.98 15.49
C GLU A 75 -5.86 6.57 14.97
N VAL A 76 -4.80 5.90 15.41
CA VAL A 76 -4.53 4.55 14.94
C VAL A 76 -5.70 3.60 15.24
N ASP A 77 -6.35 3.78 16.40
CA ASP A 77 -7.44 2.90 16.77
C ASP A 77 -8.57 3.03 15.80
N GLN A 78 -8.89 4.25 15.42
CA GLN A 78 -10.00 4.46 14.47
C GLN A 78 -9.68 3.76 13.15
N VAL A 79 -8.42 3.83 12.73
CA VAL A 79 -8.05 3.30 11.42
C VAL A 79 -8.08 1.78 11.46
N LYS A 80 -7.52 1.21 12.53
CA LYS A 80 -7.53 -0.23 12.75
C LYS A 80 -8.93 -0.81 12.71
N GLN A 81 -9.87 -0.16 13.45
CA GLN A 81 -11.27 -0.58 13.49
C GLN A 81 -11.92 -0.50 12.13
N ALA A 82 -11.63 0.59 11.40
CA ALA A 82 -12.14 0.73 10.07
C ALA A 82 -11.66 -0.38 9.14
N ILE A 83 -10.35 -0.69 9.17
CA ILE A 83 -9.83 -1.74 8.33
C ILE A 83 -10.53 -3.05 8.75
N ALA A 84 -10.60 -3.33 10.07
CA ALA A 84 -11.17 -4.61 10.47
C ALA A 84 -12.62 -4.79 9.98
N SER A 85 -13.40 -3.70 9.96
CA SER A 85 -14.78 -3.81 9.57
C SER A 85 -14.89 -4.13 8.08
N THR A 86 -13.79 -3.94 7.33
CA THR A 86 -13.85 -4.19 5.86
C THR A 86 -13.53 -5.61 5.46
N TYR A 87 -12.96 -6.37 6.40
CA TYR A 87 -12.52 -7.71 6.19
C TYR A 87 -13.70 -8.67 5.99
N SER A 88 -13.47 -9.68 5.13
CA SER A 88 -14.43 -10.75 4.94
C SER A 88 -14.46 -11.55 6.18
N ARG A 89 -15.49 -12.39 6.27
CA ARG A 89 -15.42 -13.46 7.25
C ARG A 89 -14.41 -14.54 6.81
N GLU A 90 -14.41 -15.65 7.52
CA GLU A 90 -13.45 -16.71 7.28
C GLU A 90 -13.82 -17.48 6.02
N GLN A 91 -12.80 -17.81 5.21
CA GLN A 91 -13.02 -18.55 3.98
C GLN A 91 -12.17 -19.83 4.05
N VAL A 92 -12.54 -20.83 3.27
CA VAL A 92 -11.74 -22.03 3.16
C VAL A 92 -10.62 -21.73 2.17
N LEU A 93 -9.37 -21.78 2.63
CA LEU A 93 -8.17 -21.49 1.79
C LEU A 93 -7.69 -22.78 1.15
N ASP A 94 -7.79 -22.84 -0.17
CA ASP A 94 -7.28 -23.93 -1.02
C ASP A 94 -5.78 -23.74 -1.29
N THR A 95 -5.37 -22.49 -1.48
CA THR A 95 -4.00 -22.23 -1.87
C THR A 95 -3.36 -21.19 -0.93
N TYR A 96 -2.05 -21.07 -0.91
CA TYR A 96 -1.38 -20.10 -0.03
C TYR A 96 -1.70 -18.67 -0.52
N PRO A 97 -2.16 -17.78 0.36
CA PRO A 97 -2.52 -16.44 -0.07
C PRO A 97 -1.38 -15.72 -0.83
N ALA A 98 -1.64 -15.31 -2.07
CA ALA A 98 -0.67 -14.47 -2.77
C ALA A 98 -1.15 -13.01 -2.74
N PHE A 99 -0.30 -12.10 -3.20
CA PHE A 99 -0.74 -10.70 -3.36
C PHE A 99 -1.91 -10.60 -4.32
N SER A 100 -2.91 -9.80 -4.01
CA SER A 100 -4.06 -9.69 -4.89
C SER A 100 -3.59 -8.96 -6.16
N PRO A 101 -4.33 -9.17 -7.29
CA PRO A 101 -3.91 -8.49 -8.53
C PRO A 101 -3.95 -6.97 -8.37
N LEU A 102 -4.88 -6.46 -7.56
CA LEU A 102 -5.04 -5.04 -7.41
C LEU A 102 -3.82 -4.53 -6.63
N LEU A 103 -3.40 -5.28 -5.62
CA LEU A 103 -2.21 -4.87 -4.87
C LEU A 103 -0.94 -4.90 -5.72
N VAL A 104 -0.81 -5.86 -6.63
CA VAL A 104 0.34 -5.87 -7.48
C VAL A 104 0.32 -4.62 -8.43
N GLU A 105 -0.87 -4.27 -8.94
CA GLU A 105 -0.95 -3.08 -9.77
C GLU A 105 -0.55 -1.85 -8.96
N LEU A 106 -1.01 -1.80 -7.71
CA LEU A 106 -0.63 -0.72 -6.81
C LEU A 106 0.90 -0.60 -6.60
N LEU A 107 1.58 -1.73 -6.41
CA LEU A 107 3.00 -1.67 -6.28
C LEU A 107 3.66 -1.05 -7.51
N GLN A 108 3.18 -1.42 -8.67
CA GLN A 108 3.71 -0.87 -9.91
C GLN A 108 3.51 0.66 -9.96
N GLU A 109 2.30 1.13 -9.68
CA GLU A 109 2.09 2.56 -9.76
C GLU A 109 2.90 3.32 -8.72
N ALA A 110 3.01 2.72 -7.53
CA ALA A 110 3.73 3.35 -6.44
C ALA A 110 5.22 3.35 -6.75
N TRP A 111 5.72 2.28 -7.41
CA TRP A 111 7.13 2.32 -7.88
C TRP A 111 7.34 3.41 -8.98
N LEU A 112 6.41 3.53 -9.91
CA LEU A 112 6.53 4.59 -10.92
C LEU A 112 6.59 5.97 -10.27
N LEU A 113 5.73 6.21 -9.33
CA LEU A 113 5.76 7.49 -8.56
C LEU A 113 7.07 7.61 -7.73
N SER A 114 7.52 6.52 -7.09
CA SER A 114 8.78 6.56 -6.31
C SER A 114 9.96 6.99 -7.16
N SER A 115 10.00 6.46 -8.37
CA SER A 115 11.21 6.61 -9.17
C SER A 115 11.23 7.90 -9.95
N THR A 116 10.17 8.66 -9.86
CA THR A 116 10.08 9.88 -10.67
C THR A 116 9.91 11.06 -9.72
N GLU A 117 8.68 11.28 -9.29
CA GLU A 117 8.29 12.47 -8.49
CA GLU A 117 8.35 12.50 -8.54
C GLU A 117 8.83 12.48 -7.09
N LEU A 118 8.97 11.29 -6.51
CA LEU A 118 9.34 11.17 -5.10
C LEU A 118 10.83 11.07 -4.86
N GLU A 119 11.57 10.87 -5.95
CA GLU A 119 13.00 10.66 -5.86
C GLU A 119 13.37 9.69 -4.77
N GLN A 120 12.81 8.47 -4.81
CA GLN A 120 13.10 7.35 -3.91
C GLN A 120 13.84 6.20 -4.61
N ALA A 121 14.88 5.62 -3.97
CA ALA A 121 15.57 4.49 -4.57
C ALA A 121 14.91 3.18 -4.21
N GLU A 122 14.11 3.21 -3.16
CA GLU A 122 13.39 1.99 -2.81
C GLU A 122 11.87 2.26 -2.75
N LEU A 123 11.12 1.19 -2.84
CA LEU A 123 9.63 1.26 -2.79
C LEU A 123 9.26 1.18 -1.30
N ARG A 124 8.58 2.22 -0.79
CA ARG A 124 8.28 2.33 0.65
C ARG A 124 6.77 2.38 0.87
N SER A 125 6.33 2.13 2.09
CA SER A 125 4.89 2.11 2.36
C SER A 125 4.30 3.51 2.09
N GLY A 126 5.14 4.55 2.29
CA GLY A 126 4.61 5.92 2.13
C GLY A 126 4.19 6.15 0.65
N ALA A 127 4.93 5.52 -0.28
CA ALA A 127 4.67 5.75 -1.69
C ALA A 127 3.50 4.90 -2.12
N ILE A 128 3.44 3.72 -1.52
CA ILE A 128 2.33 2.81 -1.75
C ILE A 128 1.03 3.51 -1.26
N PHE A 129 1.09 4.14 -0.05
CA PHE A 129 -0.12 4.74 0.50
C PHE A 129 -0.49 6.00 -0.32
N LEU A 130 0.48 6.82 -0.74
CA LEU A 130 0.20 8.02 -1.52
C LEU A 130 -0.45 7.59 -2.87
N ALA A 131 0.07 6.52 -3.47
CA ALA A 131 -0.53 6.07 -4.76
C ALA A 131 -1.96 5.62 -4.55
N ALA A 132 -2.17 4.88 -3.45
CA ALA A 132 -3.53 4.37 -3.14
C ALA A 132 -4.49 5.53 -2.84
N LEU A 133 -4.01 6.53 -2.12
CA LEU A 133 -4.88 7.68 -1.77
C LEU A 133 -5.18 8.48 -3.04
N THR A 134 -4.18 8.60 -3.92
CA THR A 134 -4.37 9.40 -5.15
C THR A 134 -5.47 8.73 -6.04
N ARG A 135 -5.46 7.42 -6.03
CA ARG A 135 -6.41 6.61 -6.80
C ARG A 135 -7.30 5.85 -5.82
N ALA A 136 -7.90 6.57 -4.85
CA ALA A 136 -8.66 5.90 -3.80
C ALA A 136 -9.82 5.08 -4.31
N ASP A 137 -10.49 5.55 -5.33
CA ASP A 137 -11.60 4.83 -5.92
C ASP A 137 -11.21 3.44 -6.40
N ARG A 138 -9.95 3.32 -6.83
CA ARG A 138 -9.49 2.05 -7.39
CA ARG A 138 -9.40 2.08 -7.40
C ARG A 138 -8.91 1.16 -6.26
N TYR A 139 -8.25 1.75 -5.27
CA TYR A 139 -7.41 0.92 -4.37
C TYR A 139 -7.91 0.77 -2.96
N LEU A 140 -8.83 1.65 -2.53
CA LEU A 140 -9.21 1.61 -1.10
C LEU A 140 -10.67 1.25 -0.87
N SER A 141 -10.92 0.45 0.19
CA SER A 141 -12.31 0.09 0.55
CA SER A 141 -12.28 0.07 0.56
C SER A 141 -13.06 1.36 0.84
N PHE A 142 -14.34 1.32 0.61
CA PHE A 142 -15.23 2.51 0.68
C PHE A 142 -15.04 3.29 1.99
N LYS A 143 -15.12 2.60 3.14
CA LYS A 143 -14.95 3.26 4.48
C LYS A 143 -13.61 3.95 4.67
N LEU A 144 -12.55 3.45 4.06
CA LEU A 144 -11.25 4.08 4.21
C LEU A 144 -11.15 5.26 3.31
N ILE A 145 -11.85 5.21 2.17
CA ILE A 145 -11.86 6.44 1.34
C ILE A 145 -12.47 7.59 2.22
N SER A 146 -13.59 7.30 2.89
CA SER A 146 -14.24 8.33 3.74
C SER A 146 -13.29 8.76 4.84
N LEU A 147 -12.68 7.77 5.47
CA LEU A 147 -11.79 8.06 6.60
C LEU A 147 -10.59 8.89 6.28
N PHE A 148 -10.07 8.71 5.07
CA PHE A 148 -8.84 9.31 4.60
C PHE A 148 -9.09 10.54 3.76
N GLU A 149 -10.31 11.03 3.72
CA GLU A 149 -10.66 12.15 2.85
C GLU A 149 -9.82 13.41 3.20
N GLY A 150 -9.41 13.54 4.45
CA GLY A 150 -8.68 14.76 4.86
C GLY A 150 -7.21 14.74 4.61
N ILE A 151 -6.67 13.59 4.17
CA ILE A 151 -5.23 13.52 3.91
C ILE A 151 -4.96 14.30 2.64
N ASN A 152 -4.03 15.26 2.68
CA ASN A 152 -3.86 16.13 1.51
C ASN A 152 -2.80 15.49 0.60
N ARG A 153 -3.22 14.96 -0.56
CA ARG A 153 -2.30 14.23 -1.42
C ARG A 153 -1.22 15.13 -2.00
N GLU A 154 -1.62 16.32 -2.46
CA GLU A 154 -0.67 17.26 -3.06
CA GLU A 154 -0.66 17.26 -3.07
C GLU A 154 0.50 17.55 -2.09
N ASN A 155 0.15 17.86 -0.86
CA ASN A 155 1.13 18.12 0.22
C ASN A 155 1.98 16.94 0.57
N LEU A 156 1.38 15.74 0.64
CA LEU A 156 2.21 14.54 0.93
C LEU A 156 3.23 14.29 -0.24
N LYS A 157 2.78 14.47 -1.49
CA LYS A 157 3.71 14.28 -2.63
C LYS A 157 4.78 15.36 -2.61
N LYS A 158 4.36 16.62 -2.39
CA LYS A 158 5.28 17.77 -2.48
C LYS A 158 6.33 17.64 -1.40
N HIS A 159 5.91 17.27 -0.18
CA HIS A 159 6.84 17.32 0.99
C HIS A 159 7.19 15.95 1.54
N PHE A 160 7.11 14.93 0.66
CA PHE A 160 7.17 13.51 1.02
C PHE A 160 8.37 13.22 1.94
N ALA A 161 9.59 13.56 1.52
CA ALA A 161 10.75 13.15 2.34
C ALA A 161 10.81 13.87 3.71
N ILE A 163 8.12 15.07 5.41
CA ILE A 163 7.13 14.45 6.27
C ILE A 163 7.58 13.11 6.88
N LEU A 164 8.32 12.34 6.08
CA LEU A 164 8.72 10.99 6.50
C LEU A 164 10.14 10.89 7.00
N SER A 165 10.73 12.05 7.40
CA SER A 165 12.14 12.10 7.86
CA SER A 165 12.13 12.10 7.88
C SER A 165 12.49 11.11 9.01
N ASP A 166 11.56 10.88 9.94
CA ASP A 166 11.82 10.02 11.07
C ASP A 166 11.44 8.56 10.83
N SER A 167 11.08 8.21 9.58
CA SER A 167 10.53 6.89 9.32
C SER A 167 11.59 5.79 9.47
N ALA A 168 11.13 4.60 9.90
CA ALA A 168 11.95 3.41 9.88
C ALA A 168 12.34 3.02 8.45
N GLU A 169 11.63 3.57 7.45
CA GLU A 169 11.86 3.20 6.07
C GLU A 169 12.76 4.19 5.32
N THR A 170 13.27 5.19 6.03
CA THR A 170 14.20 6.18 5.46
C THR A 170 15.62 5.67 5.69
#